data_3WFF
#
_entry.id   3WFF
#
_cell.length_a   51.866
_cell.length_b   51.866
_cell.length_c   206.153
_cell.angle_alpha   90.00
_cell.angle_beta   90.00
_cell.angle_gamma   120.00
#
_symmetry.space_group_name_H-M   'P 31 2 1'
#
loop_
_entity.id
_entity.type
_entity.pdbx_description
1 polymer 'Mineralocorticoid receptor'
2 non-polymer 6-[4-(2,4-difluorophenyl)-5-oxo-2,5-dihydrofuran-3-yl]-2H-1,4-benzoxazin-3(4H)-one
3 non-polymer 'PHOSPHATE ION'
4 water water
#
_entity_poly.entity_id   1
_entity_poly.type   'polypeptide(L)'
_entity_poly.pdbx_seq_one_letter_code
;GSAPAKEPSVNTALVPQLSTISRALTPSPVMVLENIEPEIVYAGYDSSKPDTAENLLSTLNRLAGKQMIQVVKWAKVLPG
FKNLPLEDQITLIQYSWMSLLSFALSWRSYKHTNSQFLYFAPDLVFNEEKMHQSAMYELCQGMHQISLQFVRLQLTFEEY
TIMKVLLLLSTIPKDGLKSQAAFEEMRTNYIKELRKMVTKCPNNSGQSWQRFYQLTKLLDSMHDLVSDLLEFCFYTFRES
HALKVEFPAMLVEIISDQLPKVESGNVKPLYFHRK
;
_entity_poly.pdbx_strand_id   A
#
loop_
_chem_comp.id
_chem_comp.type
_chem_comp.name
_chem_comp.formula
PO4 non-polymer 'PHOSPHATE ION' 'O4 P -3'
WFF non-polymer 6-[4-(2,4-difluorophenyl)-5-oxo-2,5-dihydrofuran-3-yl]-2H-1,4-benzoxazin-3(4H)-one 'C18 H11 F2 N O4'
#
# COMPACT_ATOMS: atom_id res chain seq x y z
N LEU A 18 -24.76 16.06 -9.40
CA LEU A 18 -25.44 15.32 -10.51
C LEU A 18 -25.90 16.22 -11.66
N SER A 19 -25.98 17.55 -11.45
CA SER A 19 -26.35 18.47 -12.54
C SER A 19 -25.35 18.41 -13.70
N THR A 20 -25.82 18.75 -14.91
CA THR A 20 -24.96 18.77 -16.11
C THR A 20 -23.73 19.64 -15.93
N ILE A 21 -23.93 20.85 -15.42
CA ILE A 21 -22.80 21.76 -15.20
C ILE A 21 -21.89 21.20 -14.11
N SER A 22 -22.49 20.82 -13.00
CA SER A 22 -21.77 20.24 -11.88
C SER A 22 -20.86 19.09 -12.33
N ARG A 23 -21.40 18.18 -13.13
CA ARG A 23 -20.63 17.03 -13.65
C ARG A 23 -19.44 17.43 -14.52
N ALA A 24 -19.65 18.41 -15.39
CA ALA A 24 -18.59 18.79 -16.31
C ALA A 24 -17.47 19.52 -15.59
N LEU A 25 -17.76 20.09 -14.43
CA LEU A 25 -16.81 20.95 -13.76
C LEU A 25 -16.22 20.36 -12.48
N THR A 26 -16.80 19.26 -12.02
CA THR A 26 -16.45 18.65 -10.75
C THR A 26 -14.99 18.15 -10.79
N PRO A 27 -14.26 18.26 -9.67
CA PRO A 27 -12.87 17.82 -9.72
C PRO A 27 -12.69 16.47 -10.41
N SER A 28 -11.73 16.40 -11.32
CA SER A 28 -11.36 15.16 -11.99
C SER A 28 -11.07 14.01 -11.01
N PRO A 29 -11.06 12.77 -11.50
CA PRO A 29 -10.84 11.66 -10.58
C PRO A 29 -9.53 11.75 -9.80
N VAL A 30 -8.44 12.16 -10.45
CA VAL A 30 -7.15 12.29 -9.74
C VAL A 30 -7.21 13.38 -8.66
N MET A 31 -7.92 14.47 -8.92
CA MET A 31 -8.10 15.53 -7.92
C MET A 31 -8.86 14.99 -6.70
N VAL A 32 -9.87 14.16 -6.94
CA VAL A 32 -10.63 13.54 -5.86
C VAL A 32 -9.72 12.65 -5.01
N LEU A 33 -8.90 11.81 -5.64
CA LEU A 33 -7.95 10.95 -4.93
C LEU A 33 -7.05 11.78 -4.03
N GLU A 34 -6.60 12.92 -4.53
CA GLU A 34 -5.69 13.77 -3.77
C GLU A 34 -6.39 14.38 -2.57
N ASN A 35 -7.67 14.71 -2.75
CA ASN A 35 -8.45 15.28 -1.67
C ASN A 35 -8.69 14.31 -0.53
N ILE A 36 -8.91 13.03 -0.85
CA ILE A 36 -9.27 12.02 0.17
C ILE A 36 -8.05 11.27 0.77
N GLU A 37 -6.84 11.74 0.44
CA GLU A 37 -5.60 11.16 0.95
C GLU A 37 -5.59 11.27 2.50
N PRO A 38 -5.31 10.17 3.21
CA PRO A 38 -5.40 10.24 4.68
C PRO A 38 -4.51 11.30 5.32
N GLU A 39 -4.90 11.75 6.51
CA GLU A 39 -4.10 12.65 7.32
C GLU A 39 -2.88 11.93 7.91
N ILE A 40 -2.01 12.70 8.57
CA ILE A 40 -0.79 12.17 9.20
C ILE A 40 -1.16 11.29 10.38
N VAL A 41 -0.46 10.16 10.51
CA VAL A 41 -0.68 9.27 11.63
C VAL A 41 0.63 9.08 12.39
N TYR A 42 0.56 9.28 13.70
CA TYR A 42 1.71 9.15 14.59
C TYR A 42 1.79 7.73 15.10
N ALA A 43 2.99 7.24 15.31
CA ALA A 43 3.17 5.90 15.86
C ALA A 43 2.91 5.87 17.39
N GLY A 44 3.21 6.97 18.07
CA GLY A 44 3.17 6.98 19.56
C GLY A 44 4.42 6.27 20.09
N TYR A 45 5.58 6.74 19.65
CA TYR A 45 6.84 6.06 19.98
C TYR A 45 7.13 6.26 21.47
N ASP A 46 7.41 5.16 22.16
CA ASP A 46 7.70 5.18 23.60
C ASP A 46 9.22 5.20 23.81
N SER A 47 9.69 6.39 24.12
CA SER A 47 11.08 6.68 24.37
C SER A 47 11.68 5.97 25.60
N SER A 48 10.83 5.41 26.45
CA SER A 48 11.28 4.76 27.66
C SER A 48 11.66 3.30 27.40
N LYS A 49 11.31 2.81 26.21
CA LYS A 49 11.58 1.44 25.80
C LYS A 49 12.75 1.38 24.84
N PRO A 50 13.59 0.32 24.94
CA PRO A 50 14.65 0.17 23.98
C PRO A 50 14.14 -0.18 22.57
N ASP A 51 14.97 0.12 21.59
CA ASP A 51 14.69 -0.27 20.20
C ASP A 51 15.04 -1.73 19.96
N THR A 52 14.23 -2.61 20.50
CA THR A 52 14.32 -4.03 20.25
C THR A 52 13.22 -4.40 19.28
N ALA A 53 13.31 -5.63 18.78
CA ALA A 53 12.36 -6.13 17.79
C ALA A 53 10.96 -6.12 18.38
N GLU A 54 10.86 -6.65 19.61
CA GLU A 54 9.63 -6.67 20.35
CA GLU A 54 9.61 -6.65 20.39
C GLU A 54 8.92 -5.29 20.34
N ASN A 55 9.66 -4.24 20.66
CA ASN A 55 9.09 -2.89 20.79
C ASN A 55 8.90 -2.18 19.47
N LEU A 56 9.85 -2.34 18.55
CA LEU A 56 9.72 -1.75 17.23
C LEU A 56 8.56 -2.38 16.46
N LEU A 57 8.47 -3.71 16.48
CA LEU A 57 7.40 -4.39 15.74
C LEU A 57 6.04 -4.10 16.37
N SER A 58 5.99 -4.06 17.71
CA SER A 58 4.76 -3.72 18.39
C SER A 58 4.33 -2.32 18.01
N THR A 59 5.29 -1.40 17.94
CA THR A 59 5.00 -0.04 17.53
C THR A 59 4.55 0.06 16.06
N LEU A 60 5.22 -0.66 15.18
CA LEU A 60 4.81 -0.72 13.78
C LEU A 60 3.39 -1.26 13.64
N ASN A 61 3.08 -2.29 14.39
CA ASN A 61 1.75 -2.89 14.32
C ASN A 61 0.67 -1.92 14.83
N ARG A 62 0.95 -1.22 15.92
CA ARG A 62 0.01 -0.24 16.46
C ARG A 62 -0.22 0.84 15.42
N LEU A 63 0.88 1.37 14.90
CA LEU A 63 0.84 2.36 13.83
C LEU A 63 0.02 1.85 12.64
N ALA A 64 0.33 0.64 12.18
CA ALA A 64 -0.36 0.10 11.02
C ALA A 64 -1.85 -0.07 11.27
N GLY A 65 -2.24 -0.38 12.50
CA GLY A 65 -3.66 -0.54 12.85
C GLY A 65 -4.38 0.77 12.62
N LYS A 66 -3.77 1.85 13.09
CA LYS A 66 -4.36 3.16 12.95
C LYS A 66 -4.31 3.63 11.51
N GLN A 67 -3.25 3.29 10.78
CA GLN A 67 -3.24 3.64 9.37
C GLN A 67 -4.35 2.88 8.62
N MET A 68 -4.60 1.64 9.02
CA MET A 68 -5.61 0.83 8.35
C MET A 68 -7.02 1.36 8.57
N ILE A 69 -7.27 1.92 9.76
CA ILE A 69 -8.53 2.63 10.03
C ILE A 69 -8.68 3.78 9.05
N GLN A 70 -7.63 4.54 8.82
CA GLN A 70 -7.70 5.62 7.82
C GLN A 70 -7.86 5.08 6.38
N VAL A 71 -7.26 3.93 6.08
CA VAL A 71 -7.38 3.30 4.76
C VAL A 71 -8.83 2.90 4.48
N VAL A 72 -9.52 2.42 5.51
CA VAL A 72 -10.91 2.02 5.39
C VAL A 72 -11.80 3.24 5.12
N LYS A 73 -11.56 4.32 5.87
CA LYS A 73 -12.23 5.60 5.62
C LYS A 73 -11.97 6.11 4.20
N TRP A 74 -10.72 6.00 3.77
CA TRP A 74 -10.31 6.33 2.40
C TRP A 74 -11.06 5.51 1.36
N ALA A 75 -11.09 4.19 1.56
CA ALA A 75 -11.73 3.30 0.60
C ALA A 75 -13.24 3.58 0.50
N LYS A 76 -13.81 3.99 1.62
CA LYS A 76 -15.24 4.29 1.71
C LYS A 76 -15.66 5.39 0.74
N VAL A 77 -14.81 6.38 0.51
CA VAL A 77 -15.13 7.49 -0.39
C VAL A 77 -14.30 7.44 -1.66
N LEU A 78 -13.75 6.26 -1.95
CA LEU A 78 -12.98 6.04 -3.18
C LEU A 78 -13.96 5.80 -4.32
N PRO A 79 -13.97 6.65 -5.35
CA PRO A 79 -15.01 6.46 -6.40
C PRO A 79 -14.96 5.09 -7.04
N GLY A 80 -16.10 4.43 -7.12
CA GLY A 80 -16.19 3.11 -7.71
C GLY A 80 -16.20 1.98 -6.69
N PHE A 81 -15.57 2.20 -5.54
CA PHE A 81 -15.35 1.15 -4.58
C PHE A 81 -16.67 0.70 -3.97
N LYS A 82 -17.51 1.67 -3.62
CA LYS A 82 -18.87 1.40 -3.14
C LYS A 82 -19.68 0.53 -4.12
N ASN A 83 -19.41 0.65 -5.42
CA ASN A 83 -20.12 -0.14 -6.44
C ASN A 83 -19.81 -1.63 -6.42
N LEU A 84 -18.81 -2.06 -5.64
CA LEU A 84 -18.53 -3.48 -5.48
C LEU A 84 -19.35 -4.01 -4.31
N PRO A 85 -19.67 -5.31 -4.33
CA PRO A 85 -20.28 -5.95 -3.17
C PRO A 85 -19.42 -5.84 -1.91
N LEU A 86 -20.11 -5.69 -0.76
CA LEU A 86 -19.47 -5.56 0.54
C LEU A 86 -18.36 -6.60 0.70
N GLU A 87 -18.66 -7.86 0.48
CA GLU A 87 -17.67 -8.90 0.73
C GLU A 87 -16.41 -8.75 -0.11
N ASP A 88 -16.57 -8.28 -1.36
CA ASP A 88 -15.43 -7.99 -2.23
C ASP A 88 -14.62 -6.79 -1.72
N GLN A 89 -15.30 -5.74 -1.27
CA GLN A 89 -14.62 -4.58 -0.67
C GLN A 89 -13.76 -5.01 0.51
N ILE A 90 -14.36 -5.78 1.40
CA ILE A 90 -13.65 -6.31 2.57
C ILE A 90 -12.45 -7.14 2.09
N THR A 91 -12.70 -8.03 1.14
CA THR A 91 -11.68 -8.94 0.59
C THR A 91 -10.49 -8.17 0.04
N LEU A 92 -10.77 -7.12 -0.73
CA LEU A 92 -9.71 -6.32 -1.35
C LEU A 92 -8.85 -5.58 -0.34
N ILE A 93 -9.47 -5.02 0.70
CA ILE A 93 -8.68 -4.35 1.74
C ILE A 93 -7.79 -5.35 2.48
N GLN A 94 -8.33 -6.54 2.75
CA GLN A 94 -7.62 -7.54 3.53
C GLN A 94 -6.48 -8.18 2.74
N TYR A 95 -6.64 -8.27 1.43
CA TYR A 95 -5.58 -8.78 0.56
C TYR A 95 -4.50 -7.72 0.30
N SER A 96 -4.86 -6.44 0.20
CA SER A 96 -3.90 -5.39 -0.22
C SER A 96 -3.31 -4.57 0.92
N TRP A 97 -3.65 -4.87 2.17
CA TRP A 97 -3.30 -3.92 3.22
C TRP A 97 -1.80 -3.63 3.32
N MET A 98 -0.99 -4.66 3.19
CA MET A 98 0.44 -4.45 3.29
C MET A 98 0.99 -3.71 2.06
N SER A 99 0.44 -3.97 0.87
CA SER A 99 0.80 -3.17 -0.29
C SER A 99 0.47 -1.69 -0.07
N LEU A 100 -0.72 -1.38 0.44
CA LEU A 100 -1.10 0.02 0.63
C LEU A 100 -0.18 0.69 1.65
N LEU A 101 0.06 0.03 2.78
CA LEU A 101 0.97 0.61 3.78
C LEU A 101 2.42 0.75 3.26
N SER A 102 2.90 -0.23 2.51
CA SER A 102 4.24 -0.15 1.96
C SER A 102 4.41 0.97 0.97
N PHE A 103 3.41 1.12 0.10
CA PHE A 103 3.48 2.14 -0.93
C PHE A 103 3.44 3.52 -0.30
N ALA A 104 2.55 3.69 0.66
CA ALA A 104 2.42 4.95 1.36
C ALA A 104 3.70 5.26 2.15
N LEU A 105 4.29 4.22 2.75
CA LEU A 105 5.59 4.35 3.40
C LEU A 105 6.64 4.86 2.42
N SER A 106 6.68 4.28 1.23
CA SER A 106 7.70 4.66 0.25
C SER A 106 7.49 6.11 -0.14
N TRP A 107 6.24 6.49 -0.33
CA TRP A 107 5.93 7.88 -0.67
C TRP A 107 6.39 8.84 0.41
N ARG A 108 6.03 8.55 1.66
CA ARG A 108 6.44 9.42 2.77
C ARG A 108 7.95 9.49 2.85
N SER A 109 8.61 8.35 2.63
CA SER A 109 10.08 8.30 2.74
C SER A 109 10.67 9.17 1.64
N TYR A 110 10.09 9.11 0.46
CA TYR A 110 10.50 9.91 -0.66
C TYR A 110 10.33 11.40 -0.36
N LYS A 111 9.11 11.79 0.01
CA LYS A 111 8.79 13.22 0.25
C LYS A 111 9.54 13.82 1.43
N HIS A 112 9.62 13.11 2.55
CA HIS A 112 10.25 13.68 3.74
C HIS A 112 11.76 13.54 3.80
N THR A 113 12.33 12.48 3.23
CA THR A 113 13.78 12.25 3.43
C THR A 113 14.52 12.01 2.11
N ASN A 114 13.85 12.25 0.99
CA ASN A 114 14.38 11.90 -0.33
C ASN A 114 14.82 10.44 -0.41
N SER A 115 14.03 9.59 0.25
CA SER A 115 14.21 8.17 0.27
C SER A 115 15.53 7.71 0.92
N GLN A 116 16.07 8.52 1.81
CA GLN A 116 17.24 8.12 2.56
C GLN A 116 16.84 7.19 3.69
N PHE A 117 15.67 7.45 4.29
CA PHE A 117 15.21 6.69 5.45
C PHE A 117 13.83 6.16 5.19
N LEU A 118 13.35 5.26 6.05
CA LEU A 118 11.98 4.79 5.99
C LEU A 118 11.14 5.59 6.97
N TYR A 119 10.34 6.52 6.43
CA TYR A 119 9.54 7.42 7.27
C TYR A 119 8.19 6.77 7.54
N PHE A 120 8.12 5.93 8.57
CA PHE A 120 6.87 5.28 8.90
C PHE A 120 5.83 6.30 9.42
N ALA A 121 6.31 7.27 10.20
CA ALA A 121 5.52 8.33 10.83
C ALA A 121 6.49 9.38 11.30
N PRO A 122 6.01 10.60 11.66
CA PRO A 122 6.96 11.62 12.08
C PRO A 122 7.81 11.20 13.29
N ASP A 123 7.26 10.36 14.15
CA ASP A 123 7.96 9.88 15.36
C ASP A 123 8.55 8.47 15.20
N LEU A 124 8.62 7.97 13.96
CA LEU A 124 9.21 6.64 13.70
C LEU A 124 9.81 6.59 12.29
N VAL A 125 11.08 6.99 12.22
CA VAL A 125 11.83 7.05 10.99
C VAL A 125 12.94 6.06 11.20
N PHE A 126 13.08 5.11 10.28
CA PHE A 126 14.11 4.08 10.37
C PHE A 126 15.33 4.43 9.52
N ASN A 127 16.48 4.53 10.16
CA ASN A 127 17.75 4.39 9.46
C ASN A 127 18.17 2.92 9.47
N GLU A 128 19.40 2.65 9.04
CA GLU A 128 19.87 1.27 8.90
C GLU A 128 19.90 0.56 10.23
N GLU A 129 20.30 1.28 11.27
CA GLU A 129 20.33 0.70 12.60
C GLU A 129 18.93 0.20 13.04
N LYS A 130 17.91 1.01 12.84
CA LYS A 130 16.53 0.57 13.18
C LYS A 130 16.10 -0.60 12.32
N MET A 131 16.52 -0.59 11.07
CA MET A 131 16.19 -1.67 10.17
C MET A 131 16.70 -3.00 10.77
N HIS A 132 17.94 -2.99 11.26
CA HIS A 132 18.51 -4.16 11.97
C HIS A 132 17.74 -4.49 13.23
N GLN A 133 17.54 -3.48 14.07
CA GLN A 133 16.86 -3.67 15.35
C GLN A 133 15.48 -4.28 15.19
N SER A 134 14.80 -3.96 14.10
CA SER A 134 13.43 -4.44 13.92
C SER A 134 13.35 -5.93 13.53
N ALA A 135 14.49 -6.58 13.27
CA ALA A 135 14.51 -7.96 12.78
C ALA A 135 13.91 -8.09 11.38
N MET A 136 13.93 -7.02 10.60
CA MET A 136 13.58 -7.16 9.22
C MET A 136 14.45 -6.30 8.37
N TYR A 137 15.76 -6.48 8.55
CA TYR A 137 16.72 -5.67 7.85
C TYR A 137 16.57 -5.79 6.34
N GLU A 138 16.58 -7.01 5.85
CA GLU A 138 16.53 -7.20 4.42
C GLU A 138 15.22 -6.72 3.81
N LEU A 139 14.12 -6.95 4.49
CA LEU A 139 12.82 -6.45 4.05
C LEU A 139 12.75 -4.94 3.99
N CYS A 140 13.27 -4.27 5.00
CA CYS A 140 13.37 -2.79 5.02
C CYS A 140 14.28 -2.28 3.90
N GLN A 141 15.40 -2.97 3.67
CA GLN A 141 16.27 -2.57 2.58
C GLN A 141 15.59 -2.70 1.23
N GLY A 142 14.80 -3.75 1.04
CA GLY A 142 14.07 -3.96 -0.22
C GLY A 142 13.05 -2.85 -0.41
N MET A 143 12.38 -2.47 0.67
CA MET A 143 11.43 -1.35 0.62
C MET A 143 12.13 -0.02 0.37
N HIS A 144 13.23 0.20 1.05
CA HIS A 144 14.04 1.38 0.79
C HIS A 144 14.41 1.47 -0.71
N GLN A 145 14.74 0.33 -1.29
CA GLN A 145 15.09 0.32 -2.71
C GLN A 145 13.89 0.67 -3.57
N ILE A 146 12.69 0.23 -3.20
CA ILE A 146 11.49 0.73 -3.90
C ILE A 146 11.41 2.24 -3.77
N SER A 147 11.61 2.76 -2.57
CA SER A 147 11.57 4.21 -2.36
C SER A 147 12.62 4.96 -3.20
N LEU A 148 13.78 4.34 -3.44
CA LEU A 148 14.79 4.95 -4.29
C LEU A 148 14.30 5.11 -5.74
N GLN A 149 13.47 4.18 -6.21
CA GLN A 149 12.84 4.29 -7.55
C GLN A 149 11.96 5.52 -7.65
N PHE A 150 11.34 5.90 -6.54
CA PHE A 150 10.52 7.11 -6.51
C PHE A 150 11.38 8.35 -6.83
N VAL A 151 12.62 8.33 -6.36
CA VAL A 151 13.58 9.39 -6.64
C VAL A 151 14.04 9.39 -8.09
N ARG A 152 14.40 8.21 -8.60
CA ARG A 152 14.82 8.07 -9.99
C ARG A 152 13.70 8.57 -10.90
N LEU A 153 12.47 8.16 -10.64
CA LEU A 153 11.32 8.54 -11.48
C LEU A 153 10.78 9.94 -11.23
N GLN A 154 11.16 10.53 -10.10
CA GLN A 154 10.55 11.75 -9.60
C GLN A 154 9.05 11.56 -9.60
N LEU A 155 8.61 10.52 -8.93
CA LEU A 155 7.19 10.15 -8.93
C LEU A 155 6.38 11.34 -8.45
N THR A 156 5.23 11.56 -9.10
CA THR A 156 4.39 12.70 -8.74
C THR A 156 3.26 12.26 -7.85
N PHE A 157 2.69 13.24 -7.15
CA PHE A 157 1.56 12.97 -6.28
C PHE A 157 0.40 12.37 -7.07
N GLU A 158 0.24 12.81 -8.33
CA GLU A 158 -0.83 12.33 -9.21
C GLU A 158 -0.66 10.84 -9.51
N GLU A 159 0.56 10.46 -9.89
CA GLU A 159 0.89 9.06 -10.17
C GLU A 159 0.70 8.22 -8.89
N TYR A 160 1.21 8.74 -7.78
CA TYR A 160 1.13 8.05 -6.52
C TYR A 160 -0.30 7.70 -6.17
N THR A 161 -1.19 8.69 -6.17
CA THR A 161 -2.56 8.43 -5.75
C THR A 161 -3.24 7.41 -6.64
N ILE A 162 -3.00 7.48 -7.95
CA ILE A 162 -3.68 6.56 -8.84
C ILE A 162 -3.11 5.17 -8.65
N MET A 163 -1.79 5.10 -8.54
CA MET A 163 -1.12 3.82 -8.30
C MET A 163 -1.57 3.15 -7.01
N LYS A 164 -1.83 3.96 -5.97
CA LYS A 164 -2.29 3.38 -4.71
C LYS A 164 -3.62 2.67 -4.93
N VAL A 165 -4.51 3.25 -5.74
CA VAL A 165 -5.78 2.59 -6.04
C VAL A 165 -5.56 1.29 -6.78
N LEU A 166 -4.62 1.29 -7.71
CA LEU A 166 -4.27 0.06 -8.43
C LEU A 166 -3.76 -1.00 -7.48
N LEU A 167 -3.04 -0.60 -6.44
CA LEU A 167 -2.61 -1.56 -5.42
C LEU A 167 -3.79 -2.16 -4.64
N LEU A 168 -4.78 -1.34 -4.31
CA LEU A 168 -5.98 -1.83 -3.67
C LEU A 168 -6.60 -2.92 -4.52
N LEU A 169 -6.43 -2.77 -5.83
CA LEU A 169 -7.07 -3.64 -6.80
C LEU A 169 -6.10 -4.65 -7.45
N SER A 170 -4.97 -4.95 -6.81
CA SER A 170 -3.96 -5.82 -7.44
C SER A 170 -3.86 -7.25 -6.93
N THR A 171 -4.58 -7.56 -5.86
CA THR A 171 -4.53 -8.90 -5.28
C THR A 171 -5.94 -9.40 -4.98
N ILE A 172 -6.27 -10.57 -5.50
CA ILE A 172 -7.60 -11.14 -5.36
C ILE A 172 -7.51 -12.61 -5.01
N PRO A 173 -8.65 -13.23 -4.66
CA PRO A 173 -8.67 -14.68 -4.43
C PRO A 173 -8.39 -15.48 -5.68
N LYS A 174 -7.85 -16.69 -5.48
CA LYS A 174 -7.47 -17.57 -6.58
C LYS A 174 -8.59 -17.72 -7.59
N ASP A 175 -9.80 -17.93 -7.11
CA ASP A 175 -10.97 -18.06 -7.98
C ASP A 175 -11.76 -16.77 -8.13
N GLY A 176 -11.14 -15.63 -7.83
CA GLY A 176 -11.74 -14.35 -8.14
C GLY A 176 -12.73 -13.87 -7.09
N LEU A 177 -13.40 -12.77 -7.40
CA LEU A 177 -14.27 -12.10 -6.47
C LEU A 177 -15.72 -12.49 -6.69
N LYS A 178 -16.60 -12.06 -5.79
CA LYS A 178 -18.03 -12.27 -5.96
C LYS A 178 -18.55 -11.59 -7.22
N SER A 179 -18.20 -10.32 -7.39
CA SER A 179 -18.55 -9.59 -8.60
C SER A 179 -17.28 -9.28 -9.40
N GLN A 180 -16.77 -10.29 -10.10
CA GLN A 180 -15.53 -10.15 -10.87
C GLN A 180 -15.64 -9.07 -11.92
N ALA A 181 -16.79 -8.96 -12.58
CA ALA A 181 -16.98 -7.96 -13.64
C ALA A 181 -16.96 -6.53 -13.12
N ALA A 182 -17.59 -6.30 -11.97
CA ALA A 182 -17.61 -4.95 -11.41
C ALA A 182 -16.18 -4.55 -10.97
N PHE A 183 -15.48 -5.48 -10.34
CA PHE A 183 -14.05 -5.27 -10.01
C PHE A 183 -13.23 -4.89 -11.26
N GLU A 184 -13.30 -5.73 -12.28
CA GLU A 184 -12.53 -5.53 -13.50
C GLU A 184 -12.84 -4.17 -14.12
N GLU A 185 -14.09 -3.76 -14.03
CA GLU A 185 -14.48 -2.45 -14.53
C GLU A 185 -13.80 -1.37 -13.71
N MET A 186 -13.79 -1.53 -12.39
CA MET A 186 -13.17 -0.52 -11.55
C MET A 186 -11.66 -0.47 -11.82
N ARG A 187 -11.04 -1.63 -11.90
CA ARG A 187 -9.60 -1.70 -12.14
C ARG A 187 -9.22 -1.06 -13.47
N THR A 188 -9.97 -1.40 -14.50
CA THR A 188 -9.75 -0.82 -15.83
C THR A 188 -9.94 0.68 -15.79
N ASN A 189 -10.97 1.14 -15.10
CA ASN A 189 -11.19 2.58 -15.02
C ASN A 189 -9.96 3.27 -14.47
N TYR A 190 -9.40 2.74 -13.38
CA TYR A 190 -8.23 3.39 -12.80
C TYR A 190 -6.97 3.20 -13.64
N ILE A 191 -6.82 2.06 -14.29
CA ILE A 191 -5.68 1.94 -15.23
C ILE A 191 -5.79 3.03 -16.29
N LYS A 192 -7.00 3.28 -16.76
CA LYS A 192 -7.25 4.34 -17.74
C LYS A 192 -6.90 5.72 -17.21
N GLU A 193 -7.20 5.98 -15.93
CA GLU A 193 -6.76 7.24 -15.33
C GLU A 193 -5.24 7.38 -15.34
N LEU A 194 -4.53 6.29 -15.05
CA LEU A 194 -3.08 6.34 -15.10
C LEU A 194 -2.64 6.62 -16.54
N ARG A 195 -3.26 5.95 -17.50
CA ARG A 195 -2.95 6.17 -18.93
C ARG A 195 -3.11 7.62 -19.35
N LYS A 196 -4.21 8.24 -18.92
CA LYS A 196 -4.47 9.65 -19.21
C LYS A 196 -3.42 10.52 -18.59
N MET A 197 -3.11 10.22 -17.33
CA MET A 197 -2.12 11.00 -16.60
C MET A 197 -0.76 10.97 -17.28
N VAL A 198 -0.30 9.78 -17.67
CA VAL A 198 1.03 9.70 -18.31
C VAL A 198 1.03 10.30 -19.73
N THR A 199 -0.12 10.30 -20.41
CA THR A 199 -0.21 10.90 -21.75
C THR A 199 -0.02 12.40 -21.61
N LYS A 200 -0.67 12.99 -20.60
CA LYS A 200 -0.52 14.39 -20.26
C LYS A 200 0.89 14.68 -19.72
N CYS A 201 1.38 13.81 -18.84
CA CYS A 201 2.62 14.07 -18.11
C CYS A 201 3.54 12.87 -18.14
N PRO A 202 4.38 12.77 -19.17
CA PRO A 202 5.35 11.70 -19.22
C PRO A 202 6.49 11.90 -18.25
N ASN A 203 6.63 13.13 -17.71
CA ASN A 203 7.63 13.43 -16.70
C ASN A 203 9.00 13.02 -17.20
N ASN A 204 9.88 12.49 -16.37
CA ASN A 204 11.25 12.31 -16.81
C ASN A 204 11.50 11.00 -17.59
N SER A 205 10.47 10.23 -17.88
CA SER A 205 10.64 8.97 -18.64
C SER A 205 10.66 9.17 -20.18
N GLY A 206 10.50 10.40 -20.64
CA GLY A 206 10.54 10.72 -22.08
C GLY A 206 9.19 10.54 -22.74
N GLN A 207 8.88 9.32 -23.12
CA GLN A 207 7.62 8.97 -23.78
C GLN A 207 6.58 8.49 -22.78
N SER A 208 5.32 8.79 -23.09
CA SER A 208 4.21 8.42 -22.22
C SER A 208 4.12 6.90 -22.06
N TRP A 209 4.42 6.15 -23.11
CA TRP A 209 4.36 4.70 -22.99
C TRP A 209 5.44 4.20 -22.02
N GLN A 210 6.58 4.86 -22.02
CA GLN A 210 7.72 4.49 -21.18
C GLN A 210 7.35 4.80 -19.74
N ARG A 211 6.69 5.94 -19.52
CA ARG A 211 6.26 6.32 -18.18
C ARG A 211 5.32 5.29 -17.62
N PHE A 212 4.32 4.90 -18.42
CA PHE A 212 3.36 3.89 -17.99
C PHE A 212 4.08 2.57 -17.67
N TYR A 213 5.04 2.20 -18.52
CA TYR A 213 5.80 0.97 -18.35
C TYR A 213 6.56 0.99 -17.02
N GLN A 214 7.26 2.09 -16.74
CA GLN A 214 8.05 2.23 -15.52
CA GLN A 214 8.06 2.20 -15.52
C GLN A 214 7.17 2.16 -14.29
N LEU A 215 6.05 2.90 -14.31
CA LEU A 215 5.15 2.93 -13.18
C LEU A 215 4.54 1.57 -12.90
N THR A 216 4.05 0.87 -13.93
CA THR A 216 3.42 -0.42 -13.74
C THR A 216 4.44 -1.52 -13.36
N LYS A 217 5.67 -1.40 -13.85
CA LYS A 217 6.75 -2.31 -13.43
C LYS A 217 7.10 -2.11 -11.96
N LEU A 218 7.11 -0.85 -11.55
CA LEU A 218 7.31 -0.52 -10.15
C LEU A 218 6.21 -1.18 -9.32
N LEU A 219 4.95 -1.04 -9.70
CA LEU A 219 3.88 -1.73 -9.01
C LEU A 219 4.07 -3.24 -8.94
N ASP A 220 4.41 -3.87 -10.07
CA ASP A 220 4.69 -5.32 -10.10
C ASP A 220 5.82 -5.70 -9.14
N SER A 221 6.83 -4.84 -9.04
CA SER A 221 7.98 -5.11 -8.20
C SER A 221 7.58 -5.08 -6.71
N MET A 222 6.42 -4.53 -6.36
CA MET A 222 5.96 -4.56 -4.96
C MET A 222 5.63 -5.99 -4.52
N HIS A 223 5.07 -6.79 -5.45
CA HIS A 223 4.46 -8.06 -5.08
CA HIS A 223 4.48 -8.09 -5.08
C HIS A 223 5.37 -8.94 -4.21
N ASP A 224 6.59 -9.22 -4.66
CA ASP A 224 7.47 -10.16 -3.97
C ASP A 224 7.84 -9.58 -2.61
N LEU A 225 8.16 -8.29 -2.58
CA LEU A 225 8.53 -7.66 -1.31
C LEU A 225 7.35 -7.73 -0.34
N VAL A 226 6.16 -7.43 -0.82
CA VAL A 226 5.00 -7.41 0.04
C VAL A 226 4.68 -8.82 0.51
N SER A 227 4.74 -9.77 -0.41
CA SER A 227 4.66 -11.16 -0.02
C SER A 227 5.66 -11.53 1.07
N ASP A 228 6.91 -11.07 0.96
CA ASP A 228 7.92 -11.38 1.99
C ASP A 228 7.54 -10.69 3.32
N LEU A 229 7.10 -9.44 3.24
CA LEU A 229 6.64 -8.70 4.42
C LEU A 229 5.53 -9.46 5.10
N LEU A 230 4.57 -9.92 4.33
CA LEU A 230 3.47 -10.70 4.86
C LEU A 230 3.90 -12.00 5.52
N GLU A 231 4.87 -12.70 4.94
CA GLU A 231 5.33 -13.93 5.59
C GLU A 231 5.89 -13.65 6.98
N PHE A 232 6.65 -12.58 7.13
CA PHE A 232 7.18 -12.27 8.44
C PHE A 232 6.05 -11.86 9.36
N CYS A 233 5.07 -11.15 8.82
CA CYS A 233 3.98 -10.67 9.65
C CYS A 233 3.15 -11.83 10.14
N PHE A 234 2.93 -12.81 9.26
CA PHE A 234 2.19 -14.02 9.62
C PHE A 234 2.94 -14.84 10.65
N TYR A 235 4.25 -14.91 10.50
CA TYR A 235 5.08 -15.62 11.50
C TYR A 235 5.00 -14.97 12.89
N THR A 236 5.16 -13.66 12.96
CA THR A 236 5.16 -12.98 14.25
C THR A 236 3.73 -12.98 14.85
N PHE A 237 2.73 -12.93 13.98
CA PHE A 237 1.34 -13.04 14.40
C PHE A 237 1.08 -14.36 15.08
N ARG A 238 1.43 -15.45 14.39
CA ARG A 238 1.25 -16.80 14.94
C ARG A 238 1.98 -17.00 16.24
N GLU A 239 3.15 -16.36 16.39
CA GLU A 239 3.99 -16.49 17.57
C GLU A 239 3.95 -15.26 18.46
N SER A 240 2.92 -14.43 18.28
CA SER A 240 2.77 -13.16 18.99
C SER A 240 3.07 -13.19 20.49
N HIS A 241 2.44 -14.12 21.21
CA HIS A 241 2.60 -14.18 22.65
C HIS A 241 4.04 -14.57 23.06
N ALA A 242 4.61 -15.57 22.39
CA ALA A 242 5.99 -16.01 22.66
C ALA A 242 7.01 -14.94 22.32
N LEU A 243 6.77 -14.18 21.26
CA LEU A 243 7.71 -13.16 20.82
C LEU A 243 7.46 -11.83 21.50
N LYS A 244 6.34 -11.70 22.19
CA LYS A 244 5.92 -10.41 22.78
C LYS A 244 5.74 -9.33 21.70
N VAL A 245 5.21 -9.74 20.57
CA VAL A 245 4.93 -8.79 19.51
C VAL A 245 3.42 -8.53 19.54
N GLU A 246 3.07 -7.29 19.87
CA GLU A 246 1.67 -6.87 20.02
C GLU A 246 1.05 -6.61 18.65
N PHE A 247 -0.18 -7.07 18.46
CA PHE A 247 -1.01 -6.65 17.32
C PHE A 247 -2.29 -6.00 17.85
N PRO A 248 -2.71 -4.88 17.26
CA PRO A 248 -4.02 -4.31 17.58
C PRO A 248 -5.15 -5.05 16.88
N ALA A 249 -6.36 -4.88 17.40
CA ALA A 249 -7.53 -5.62 16.93
C ALA A 249 -7.70 -5.54 15.40
N MET A 250 -7.48 -4.37 14.84
CA MET A 250 -7.59 -4.21 13.40
C MET A 250 -6.70 -5.21 12.64
N LEU A 251 -5.44 -5.31 13.04
CA LEU A 251 -4.53 -6.29 12.39
C LEU A 251 -4.85 -7.73 12.74
N VAL A 252 -5.30 -7.99 13.95
CA VAL A 252 -5.74 -9.33 14.33
C VAL A 252 -6.83 -9.78 13.38
N GLU A 253 -7.80 -8.89 13.16
CA GLU A 253 -8.94 -9.19 12.28
C GLU A 253 -8.51 -9.47 10.86
N ILE A 254 -7.69 -8.58 10.31
CA ILE A 254 -7.17 -8.75 8.95
C ILE A 254 -6.33 -10.04 8.79
N ILE A 255 -5.33 -10.19 9.66
CA ILE A 255 -4.41 -11.33 9.55
C ILE A 255 -5.13 -12.67 9.79
N SER A 256 -5.99 -12.74 10.81
CA SER A 256 -6.79 -13.95 11.05
C SER A 256 -7.58 -14.42 9.82
N ASP A 257 -8.10 -13.48 9.03
CA ASP A 257 -8.76 -13.83 7.75
C ASP A 257 -7.75 -14.06 6.64
N GLN A 258 -6.76 -13.17 6.53
CA GLN A 258 -5.84 -13.19 5.40
C GLN A 258 -4.87 -14.38 5.45
N LEU A 259 -4.31 -14.65 6.62
CA LEU A 259 -3.24 -15.63 6.74
C LEU A 259 -3.59 -17.03 6.18
N PRO A 260 -4.67 -17.66 6.64
CA PRO A 260 -4.98 -18.97 6.04
C PRO A 260 -5.21 -18.94 4.51
N LYS A 261 -5.70 -17.82 3.99
CA LYS A 261 -5.97 -17.73 2.57
C LYS A 261 -4.69 -17.68 1.75
N VAL A 262 -3.74 -16.86 2.21
CA VAL A 262 -2.48 -16.68 1.52
C VAL A 262 -1.69 -17.97 1.63
N GLU A 263 -1.59 -18.52 2.83
CA GLU A 263 -0.78 -19.73 3.07
C GLU A 263 -1.32 -20.97 2.35
N SER A 264 -2.62 -21.01 2.07
CA SER A 264 -3.21 -22.13 1.32
C SER A 264 -3.29 -21.88 -0.19
N GLY A 265 -2.70 -20.79 -0.68
CA GLY A 265 -2.67 -20.49 -2.11
C GLY A 265 -3.92 -19.82 -2.64
N ASN A 266 -4.85 -19.46 -1.75
CA ASN A 266 -6.06 -18.77 -2.19
C ASN A 266 -5.75 -17.29 -2.39
N VAL A 267 -4.87 -17.01 -3.35
CA VAL A 267 -4.40 -15.67 -3.60
C VAL A 267 -3.89 -15.57 -5.03
N LYS A 268 -4.22 -14.48 -5.71
CA LYS A 268 -3.88 -14.28 -7.11
C LYS A 268 -3.44 -12.83 -7.26
N PRO A 269 -2.13 -12.61 -7.43
CA PRO A 269 -1.64 -11.27 -7.70
C PRO A 269 -1.90 -10.93 -9.16
N LEU A 270 -2.32 -9.70 -9.44
CA LEU A 270 -2.52 -9.28 -10.82
C LEU A 270 -1.31 -8.49 -11.19
N TYR A 271 -0.57 -8.96 -12.19
CA TYR A 271 0.65 -8.31 -12.63
C TYR A 271 0.28 -7.52 -13.85
N PHE A 272 0.90 -6.36 -14.01
CA PHE A 272 0.79 -5.59 -15.24
C PHE A 272 1.60 -6.20 -16.35
N HIS A 273 2.68 -6.89 -15.98
CA HIS A 273 3.58 -7.55 -16.90
C HIS A 273 3.86 -8.96 -16.42
N ARG A 274 3.73 -9.93 -17.32
CA ARG A 274 3.88 -11.33 -16.97
C ARG A 274 5.31 -11.64 -16.59
N LYS A 275 5.42 -12.60 -15.69
CA LYS A 275 6.72 -13.16 -15.34
C LYS A 275 7.13 -14.07 -16.50
C1 WFF B . 5.59 -5.29 8.03
C2 WFF B . 6.15 -2.08 5.40
C3 WFF B . 5.95 -6.55 8.45
C4 WFF B . 7.32 -2.12 4.66
C5 WFF B . 4.66 -4.84 10.19
C6 WFF B . 8.63 -2.55 6.61
C7 WFF B . 4.93 -4.42 8.90
C8 WFF B . 6.23 -2.26 6.77
C9 WFF B . 5.03 -6.11 10.60
C10 WFF B . 5.67 -6.94 9.75
C11 WFF B . 8.53 -2.36 5.26
C12 WFF B . 7.46 -2.48 7.35
C13 WFF B . 5.06 -2.20 7.62
C14 WFF B . 4.53 -3.07 8.49
C15 WFF B . 4.20 -1.02 7.63
C16 WFF B . 5.29 -7.65 12.44
C17 WFF B . 3.31 -2.50 9.10
C18 WFF B . 6.37 -8.24 11.57
N19 WFF B . 4.72 -6.53 11.90
O20 WFF B . 4.38 -0.03 6.95
O21 WFF B . 4.96 -8.14 13.52
O22 WFF B . 6.00 -8.21 10.17
O23 WFF B . 3.17 -1.22 8.49
F24 WFF B . 9.69 -2.42 4.58
F25 WFF B . 7.55 -2.65 8.67
P PO4 C . 3.68 -7.97 -20.87
O1 PO4 C . 3.15 -6.60 -20.54
O2 PO4 C . 3.44 -8.30 -22.33
O3 PO4 C . 5.15 -7.90 -20.55
O4 PO4 C . 3.03 -9.03 -20.03
#